data_4C4T
#
_entry.id   4C4T
#
_cell.length_a   37.191
_cell.length_b   54.284
_cell.length_c   104.496
_cell.angle_alpha   90.00
_cell.angle_beta   90.00
_cell.angle_gamma   90.00
#
_symmetry.space_group_name_H-M   'P 21 21 21'
#
loop_
_entity.id
_entity.type
_entity.pdbx_description
1 polymer BETA-PHOSPHOGLUCOMUTASE
2 non-polymer (1R)-1,5-anhydro-1-[(S)-fluoro(phosphono)methyl]-D-glucitol
3 non-polymer 'TETRAFLUOROALUMINATE ION'
4 non-polymer 'MAGNESIUM ION'
5 water water
#
_entity_poly.entity_id   1
_entity_poly.type   'polypeptide(L)'
_entity_poly.pdbx_seq_one_letter_code
;MFKAVLFDLDGVITDTAEYHFRAWKALAEEIGINGVDRQFNEQLKGVSREDSLQKILDLADKKVSAEEFKELAKRKNDNY
VKMIQDVSPADVYPGILQLLKDLRSNKIKIALASASKNGPFLLERMNLTGYFDAIADPAEVAASKPAPDIFIAAAHAVGV
APSESIGLEDSQAGIQAIKDSGALPIGVGRPEDLGDDIVIVPDTSHYTLEFLKEVWLQKQK
;
_entity_poly.pdbx_strand_id   A
#
loop_
_chem_comp.id
_chem_comp.type
_chem_comp.name
_chem_comp.formula
ALF non-polymer 'TETRAFLUOROALUMINATE ION' 'Al F4 -1'
GRX D-saccharide (1R)-1,5-anhydro-1-[(S)-fluoro(phosphono)methyl]-D-glucitol 'C7 H14 F O8 P'
MG non-polymer 'MAGNESIUM ION' 'Mg 2'
#
# COMPACT_ATOMS: atom_id res chain seq x y z
N MET A 1 -15.78 17.31 8.99
CA MET A 1 -15.63 15.82 8.85
C MET A 1 -14.70 15.56 7.67
N PHE A 2 -13.91 14.49 7.75
CA PHE A 2 -13.07 14.14 6.62
C PHE A 2 -13.95 13.88 5.41
N LYS A 3 -13.42 14.18 4.23
CA LYS A 3 -14.17 14.08 2.98
C LYS A 3 -13.65 13.02 2.01
N ALA A 4 -12.52 12.40 2.36
CA ALA A 4 -11.95 11.31 1.54
C ALA A 4 -11.17 10.35 2.41
N VAL A 5 -11.10 9.10 1.94
CA VAL A 5 -10.19 8.11 2.51
C VAL A 5 -9.31 7.63 1.37
N LEU A 6 -7.99 7.68 1.61
CA LEU A 6 -6.94 7.32 0.65
C LEU A 6 -6.35 5.98 1.09
N PHE A 7 -6.58 4.95 0.28
CA PHE A 7 -6.23 3.58 0.62
C PHE A 7 -4.92 3.16 -0.02
N ASP A 8 -3.99 2.73 0.80
CA ASP A 8 -2.97 1.80 0.32
C ASP A 8 -3.66 0.48 -0.05
N LEU A 9 -2.99 -0.36 -0.82
CA LEU A 9 -3.57 -1.63 -1.21
C LEU A 9 -2.94 -2.79 -0.43
N ASP A 10 -1.65 -3.03 -0.64
CA ASP A 10 -1.02 -4.26 -0.15
C ASP A 10 -0.91 -4.19 1.38
N GLY A 11 -1.50 -5.17 2.04
CA GLY A 11 -1.57 -5.18 3.49
C GLY A 11 -2.66 -4.34 4.12
N VAL A 12 -3.50 -3.71 3.30
CA VAL A 12 -4.59 -2.86 3.79
C VAL A 12 -5.90 -3.40 3.24
N ILE A 13 -5.98 -3.55 1.93
CA ILE A 13 -7.17 -4.10 1.32
C ILE A 13 -7.16 -5.60 1.30
N THR A 14 -5.97 -6.19 1.17
CA THR A 14 -5.85 -7.62 1.13
C THR A 14 -4.43 -8.01 1.52
N ASP A 15 -4.20 -9.30 1.65
CA ASP A 15 -2.94 -9.81 2.20
C ASP A 15 -1.83 -9.96 1.16
N THR A 16 -1.78 -9.07 0.17
CA THR A 16 -0.76 -9.15 -0.86
C THR A 16 0.64 -8.65 -0.39
N ALA A 17 0.74 -7.95 0.73
CA ALA A 17 2.05 -7.65 1.30
C ALA A 17 2.84 -8.95 1.58
N GLU A 18 2.12 -10.00 2.00
CA GLU A 18 2.73 -11.31 2.21
C GLU A 18 3.31 -11.87 0.91
N TYR A 19 2.57 -11.75 -0.19
CA TYR A 19 3.07 -12.25 -1.47
C TYR A 19 4.25 -11.41 -2.00
N HIS A 20 4.21 -10.08 -1.84
CA HIS A 20 5.35 -9.28 -2.18
C HIS A 20 6.60 -9.71 -1.40
N PHE A 21 6.43 -9.96 -0.11
CA PHE A 21 7.52 -10.47 0.71
C PHE A 21 8.07 -11.79 0.17
N ARG A 22 7.21 -12.76 -0.08
CA ARG A 22 7.65 -14.08 -0.52
C ARG A 22 8.34 -13.97 -1.86
N ALA A 23 7.79 -13.15 -2.75
CA ALA A 23 8.40 -12.98 -4.08
C ALA A 23 9.78 -12.30 -4.00
N TRP A 24 9.92 -11.24 -3.19
CA TRP A 24 11.22 -10.58 -3.06
C TRP A 24 12.25 -11.49 -2.39
N LYS A 25 11.83 -12.22 -1.37
CA LYS A 25 12.74 -13.15 -0.70
C LYS A 25 13.26 -14.19 -1.68
N ALA A 26 12.36 -14.71 -2.51
CA ALA A 26 12.74 -15.73 -3.49
C ALA A 26 13.75 -15.15 -4.47
N LEU A 27 13.50 -13.92 -4.92
CA LEU A 27 14.40 -13.29 -5.87
C LEU A 27 15.79 -13.12 -5.22
N ALA A 28 15.80 -12.61 -3.99
CA ALA A 28 17.06 -12.28 -3.30
C ALA A 28 17.88 -13.54 -3.14
N GLU A 29 17.21 -14.62 -2.77
CA GLU A 29 17.93 -15.88 -2.58
C GLU A 29 18.51 -16.46 -3.87
N GLU A 30 17.81 -16.27 -4.99
CA GLU A 30 18.30 -16.68 -6.29
C GLU A 30 19.64 -16.04 -6.60
N ILE A 31 19.83 -14.81 -6.17
CA ILE A 31 21.06 -14.07 -6.43
C ILE A 31 22.03 -14.09 -5.26
N GLY A 32 21.77 -14.98 -4.32
CA GLY A 32 22.69 -15.22 -3.22
C GLY A 32 22.64 -14.21 -2.09
N ILE A 33 21.50 -13.52 -1.96
CA ILE A 33 21.33 -12.55 -0.88
C ILE A 33 20.33 -13.12 0.11
N ASN A 34 20.74 -13.35 1.35
CA ASN A 34 19.87 -14.04 2.31
C ASN A 34 19.24 -13.18 3.42
N GLY A 35 19.46 -11.88 3.40
CA GLY A 35 18.99 -11.01 4.47
C GLY A 35 17.54 -10.53 4.38
N VAL A 36 16.80 -10.95 3.37
CA VAL A 36 15.39 -10.57 3.23
C VAL A 36 14.48 -11.47 4.09
N ASP A 37 14.43 -11.15 5.39
CA ASP A 37 13.55 -11.82 6.32
C ASP A 37 12.41 -10.86 6.70
N ARG A 38 11.49 -11.28 7.55
CA ARG A 38 10.32 -10.45 7.83
C ARG A 38 10.70 -9.08 8.36
N GLN A 39 11.71 -9.02 9.22
CA GLN A 39 12.14 -7.75 9.79
C GLN A 39 12.64 -6.80 8.71
N PHE A 40 13.50 -7.30 7.83
CA PHE A 40 14.01 -6.46 6.78
C PHE A 40 12.91 -6.04 5.83
N ASN A 41 11.94 -6.92 5.63
CA ASN A 41 10.83 -6.65 4.68
C ASN A 41 10.02 -5.41 5.09
N GLU A 42 10.10 -5.02 6.36
CA GLU A 42 9.45 -3.78 6.76
C GLU A 42 9.96 -2.56 5.99
N GLN A 43 11.20 -2.63 5.51
CA GLN A 43 11.78 -1.61 4.68
C GLN A 43 11.38 -1.73 3.22
N LEU A 44 10.75 -2.84 2.85
CA LEU A 44 10.25 -3.02 1.50
C LEU A 44 8.74 -2.76 1.37
N LYS A 45 8.00 -2.77 2.46
CA LYS A 45 6.57 -2.41 2.41
C LYS A 45 6.43 -0.95 1.99
N GLY A 46 5.56 -0.68 1.01
CA GLY A 46 5.28 0.66 0.57
C GLY A 46 6.26 1.26 -0.41
N VAL A 47 7.38 0.59 -0.65
CA VAL A 47 8.46 1.11 -1.46
C VAL A 47 8.31 0.66 -2.91
N SER A 48 8.56 1.55 -3.85
CA SER A 48 8.42 1.21 -5.27
C SER A 48 9.22 -0.03 -5.68
N ARG A 49 8.86 -0.61 -6.83
CA ARG A 49 9.45 -1.86 -7.25
C ARG A 49 10.98 -1.70 -7.41
N GLU A 50 11.39 -0.64 -8.07
CA GLU A 50 12.82 -0.41 -8.32
C GLU A 50 13.58 -0.05 -7.06
N ASP A 51 12.97 0.78 -6.20
CA ASP A 51 13.58 1.10 -4.91
C ASP A 51 13.68 -0.12 -4.02
N SER A 52 12.70 -1.02 -4.12
CA SER A 52 12.70 -2.24 -3.33
C SER A 52 13.89 -3.13 -3.73
N LEU A 53 14.06 -3.33 -5.03
CA LEU A 53 15.16 -4.12 -5.52
C LEU A 53 16.49 -3.51 -5.12
N GLN A 54 16.61 -2.20 -5.22
CA GLN A 54 17.86 -1.58 -4.87
C GLN A 54 18.19 -1.75 -3.38
N LYS A 55 17.17 -1.70 -2.52
CA LYS A 55 17.42 -1.92 -1.10
C LYS A 55 17.96 -3.32 -0.85
N ILE A 56 17.45 -4.31 -1.59
CA ILE A 56 17.91 -5.68 -1.48
C ILE A 56 19.35 -5.76 -1.97
N LEU A 57 19.66 -5.14 -3.10
CA LEU A 57 21.03 -5.16 -3.64
C LEU A 57 22.00 -4.51 -2.65
N ASP A 58 21.58 -3.41 -2.03
CA ASP A 58 22.42 -2.62 -1.12
C ASP A 58 22.71 -3.38 0.17
N LEU A 59 21.69 -4.02 0.70
CA LEU A 59 21.80 -4.86 1.88
C LEU A 59 23.05 -5.72 1.85
N ALA A 60 23.39 -6.21 0.65
CA ALA A 60 24.53 -7.10 0.49
C ALA A 60 25.70 -6.41 -0.20
N ASP A 61 25.61 -5.08 -0.35
CA ASP A 61 26.61 -4.33 -1.10
C ASP A 61 26.85 -5.01 -2.44
N LYS A 62 25.77 -5.39 -3.11
CA LYS A 62 25.91 -6.04 -4.42
C LYS A 62 25.70 -5.07 -5.58
N LYS A 63 26.55 -5.19 -6.61
CA LYS A 63 26.34 -4.44 -7.85
C LYS A 63 26.05 -5.35 -9.02
N VAL A 64 24.99 -5.02 -9.75
CA VAL A 64 24.65 -5.78 -10.96
C VAL A 64 24.63 -4.83 -12.14
N SER A 65 24.64 -5.36 -13.35
CA SER A 65 24.50 -4.52 -14.53
C SER A 65 23.09 -3.94 -14.67
N ALA A 66 22.97 -2.89 -15.46
CA ALA A 66 21.69 -2.29 -15.71
C ALA A 66 20.78 -3.31 -16.34
N GLU A 67 21.33 -4.14 -17.23
CA GLU A 67 20.55 -5.17 -17.90
C GLU A 67 20.05 -6.19 -16.87
N GLU A 68 20.92 -6.59 -15.95
CA GLU A 68 20.51 -7.55 -14.92
C GLU A 68 19.45 -6.95 -13.97
N PHE A 69 19.62 -5.67 -13.62
CA PHE A 69 18.69 -5.00 -12.70
C PHE A 69 17.30 -5.05 -13.30
N LYS A 70 17.19 -4.73 -14.59
CA LYS A 70 15.91 -4.75 -15.27
C LYS A 70 15.31 -6.16 -15.29
N GLU A 71 16.14 -7.16 -15.57
CA GLU A 71 15.66 -8.52 -15.64
C GLU A 71 15.19 -8.98 -14.25
N LEU A 72 15.93 -8.63 -13.20
CA LEU A 72 15.54 -9.02 -11.85
C LEU A 72 14.20 -8.44 -11.38
N ALA A 73 13.95 -7.17 -11.65
CA ALA A 73 12.68 -6.56 -11.28
C ALA A 73 11.53 -7.21 -12.04
N LYS A 74 11.73 -7.48 -13.32
CA LYS A 74 10.76 -8.17 -14.13
C LYS A 74 10.51 -9.57 -13.62
N ARG A 75 11.56 -10.27 -13.21
CA ARG A 75 11.46 -11.66 -12.75
C ARG A 75 10.62 -11.73 -11.48
N LYS A 76 10.89 -10.83 -10.55
CA LYS A 76 10.12 -10.83 -9.31
C LYS A 76 8.67 -10.48 -9.60
N ASN A 77 8.44 -9.49 -10.47
CA ASN A 77 7.07 -9.14 -10.80
C ASN A 77 6.32 -10.27 -11.48
N ASP A 78 6.98 -10.94 -12.41
CA ASP A 78 6.33 -12.05 -13.10
C ASP A 78 5.92 -13.15 -12.12
N ASN A 79 6.76 -13.45 -11.12
CA ASN A 79 6.44 -14.44 -10.10
C ASN A 79 5.26 -13.95 -9.26
N TYR A 80 5.35 -12.70 -8.82
CA TYR A 80 4.28 -12.09 -8.04
C TYR A 80 2.93 -12.11 -8.76
N VAL A 81 2.94 -11.76 -10.05
CA VAL A 81 1.73 -11.76 -10.86
C VAL A 81 1.15 -13.18 -10.98
N LYS A 82 2.01 -14.20 -11.12
CA LYS A 82 1.51 -15.58 -11.09
C LYS A 82 0.85 -15.86 -9.73
N MET A 83 1.50 -15.42 -8.65
CA MET A 83 1.01 -15.69 -7.29
C MET A 83 -0.42 -15.17 -7.04
N ILE A 84 -0.76 -14.04 -7.67
CA ILE A 84 -2.03 -13.37 -7.37
C ILE A 84 -3.17 -13.74 -8.32
N GLN A 85 -2.97 -14.68 -9.24
CA GLN A 85 -4.02 -14.92 -10.21
C GLN A 85 -5.33 -15.42 -9.57
N ASP A 86 -5.25 -16.18 -8.47
CA ASP A 86 -6.45 -16.71 -7.84
C ASP A 86 -7.02 -15.82 -6.74
N VAL A 87 -6.47 -14.63 -6.56
CA VAL A 87 -7.09 -13.69 -5.61
C VAL A 87 -8.55 -13.47 -6.01
N SER A 88 -9.44 -13.46 -5.02
CA SER A 88 -10.88 -13.33 -5.28
C SER A 88 -11.53 -12.40 -4.26
N PRO A 89 -12.85 -12.16 -4.39
CA PRO A 89 -13.49 -11.35 -3.34
C PRO A 89 -13.38 -11.96 -1.95
N ALA A 90 -13.16 -13.27 -1.85
CA ALA A 90 -13.04 -13.88 -0.54
C ALA A 90 -11.77 -13.46 0.17
N ASP A 91 -10.81 -12.89 -0.58
CA ASP A 91 -9.52 -12.50 -0.01
C ASP A 91 -9.52 -11.05 0.49
N VAL A 92 -10.62 -10.32 0.28
CA VAL A 92 -10.69 -8.97 0.82
C VAL A 92 -10.56 -9.06 2.35
N TYR A 93 -9.74 -8.20 2.92
CA TYR A 93 -9.52 -8.23 4.36
C TYR A 93 -10.82 -7.89 5.12
N PRO A 94 -10.94 -8.39 6.35
CA PRO A 94 -12.15 -8.10 7.14
C PRO A 94 -12.37 -6.61 7.27
N GLY A 95 -13.65 -6.21 7.23
CA GLY A 95 -14.03 -4.81 7.38
C GLY A 95 -13.96 -3.96 6.12
N ILE A 96 -13.11 -4.34 5.16
CA ILE A 96 -12.82 -3.43 4.07
C ILE A 96 -14.03 -3.23 3.17
N LEU A 97 -14.71 -4.32 2.78
CA LEU A 97 -15.84 -4.18 1.86
C LEU A 97 -16.92 -3.33 2.54
N GLN A 98 -17.19 -3.57 3.81
CA GLN A 98 -18.24 -2.81 4.48
C GLN A 98 -17.85 -1.34 4.64
N LEU A 99 -16.57 -1.08 4.89
CA LEU A 99 -16.09 0.29 5.01
C LEU A 99 -16.36 1.03 3.71
N LEU A 100 -16.02 0.39 2.59
CA LEU A 100 -16.22 1.01 1.28
C LEU A 100 -17.71 1.34 1.09
N LYS A 101 -18.59 0.40 1.42
CA LYS A 101 -20.04 0.64 1.32
C LYS A 101 -20.49 1.77 2.22
N ASP A 102 -20.03 1.78 3.45
CA ASP A 102 -20.42 2.82 4.41
C ASP A 102 -19.88 4.18 3.98
N LEU A 103 -18.66 4.25 3.44
CA LEU A 103 -18.13 5.51 2.99
C LEU A 103 -18.97 6.10 1.83
N ARG A 104 -19.31 5.26 0.87
CA ARG A 104 -20.15 5.72 -0.24
C ARG A 104 -21.53 6.23 0.23
N SER A 105 -22.15 5.51 1.17
N SER A 105 -22.17 5.50 1.15
CA SER A 105 -23.45 5.93 1.68
CA SER A 105 -23.46 5.97 1.69
C SER A 105 -23.38 7.27 2.41
C SER A 105 -23.32 7.37 2.25
N ASN A 106 -22.22 7.61 2.94
CA ASN A 106 -22.02 8.91 3.61
C ASN A 106 -21.30 9.94 2.75
N LYS A 107 -21.23 9.67 1.44
CA LYS A 107 -20.68 10.59 0.44
C LYS A 107 -19.24 11.01 0.72
N ILE A 108 -18.46 10.07 1.25
CA ILE A 108 -17.05 10.26 1.46
C ILE A 108 -16.31 9.59 0.32
N LYS A 109 -15.45 10.36 -0.34
CA LYS A 109 -14.73 9.89 -1.52
C LYS A 109 -13.72 8.82 -1.15
N ILE A 110 -13.46 7.94 -2.12
CA ILE A 110 -12.57 6.79 -1.96
C ILE A 110 -11.56 6.79 -3.07
N ALA A 111 -10.27 6.82 -2.73
CA ALA A 111 -9.21 6.81 -3.74
C ALA A 111 -8.14 5.82 -3.37
N LEU A 112 -7.58 5.17 -4.39
CA LEU A 112 -6.42 4.31 -4.21
C LEU A 112 -5.12 5.09 -4.32
N ALA A 113 -4.27 4.94 -3.30
CA ALA A 113 -2.96 5.55 -3.25
C ALA A 113 -1.92 4.45 -3.12
N SER A 114 -1.89 3.59 -4.12
CA SER A 114 -0.95 2.48 -4.14
C SER A 114 0.22 2.71 -5.09
N ALA A 115 1.39 2.24 -4.67
CA ALA A 115 2.57 2.18 -5.51
C ALA A 115 2.46 1.18 -6.64
N SER A 116 1.47 0.29 -6.57
CA SER A 116 1.51 -0.94 -7.38
C SER A 116 0.88 -0.84 -8.74
N LYS A 117 1.65 -1.23 -9.75
CA LYS A 117 1.13 -1.34 -11.11
C LYS A 117 0.13 -2.48 -11.21
N ASN A 118 0.17 -3.37 -10.24
CA ASN A 118 -0.81 -4.46 -10.17
C ASN A 118 -2.13 -4.06 -9.46
N GLY A 119 -2.27 -2.79 -9.09
CA GLY A 119 -3.43 -2.35 -8.34
C GLY A 119 -4.75 -2.53 -9.08
N PRO A 120 -4.83 -2.06 -10.33
CA PRO A 120 -6.12 -2.19 -11.03
C PRO A 120 -6.52 -3.66 -11.20
N PHE A 121 -5.56 -4.53 -11.54
CA PHE A 121 -5.83 -5.96 -11.66
C PHE A 121 -6.40 -6.52 -10.35
N LEU A 122 -5.77 -6.19 -9.24
CA LEU A 122 -6.21 -6.69 -7.92
C LEU A 122 -7.60 -6.22 -7.54
N LEU A 123 -7.91 -4.96 -7.77
CA LEU A 123 -9.26 -4.45 -7.45
C LEU A 123 -10.30 -5.17 -8.31
N GLU A 124 -9.95 -5.47 -9.56
CA GLU A 124 -10.85 -6.24 -10.41
C GLU A 124 -11.05 -7.66 -9.86
N ARG A 125 -9.96 -8.31 -9.49
CA ARG A 125 -10.03 -9.68 -8.94
C ARG A 125 -10.95 -9.72 -7.73
N MET A 126 -10.94 -8.67 -6.93
CA MET A 126 -11.68 -8.65 -5.68
C MET A 126 -13.06 -8.01 -5.82
N ASN A 127 -13.47 -7.68 -7.04
CA ASN A 127 -14.74 -6.97 -7.26
C ASN A 127 -14.86 -5.70 -6.42
N LEU A 128 -13.79 -4.91 -6.41
CA LEU A 128 -13.80 -3.68 -5.63
C LEU A 128 -13.69 -2.42 -6.49
N THR A 129 -13.38 -2.56 -7.79
CA THR A 129 -13.16 -1.39 -8.64
C THR A 129 -14.30 -0.36 -8.54
N GLY A 130 -15.53 -0.83 -8.49
CA GLY A 130 -16.67 0.07 -8.48
C GLY A 130 -16.84 0.91 -7.24
N TYR A 131 -16.14 0.59 -6.17
CA TYR A 131 -16.16 1.41 -4.96
C TYR A 131 -15.26 2.63 -5.06
N PHE A 132 -14.31 2.62 -5.98
CA PHE A 132 -13.29 3.66 -6.03
C PHE A 132 -13.68 4.80 -6.93
N ASP A 133 -13.68 5.99 -6.35
CA ASP A 133 -13.85 7.23 -7.10
C ASP A 133 -12.65 7.57 -7.98
N ALA A 134 -11.46 7.18 -7.55
CA ALA A 134 -10.25 7.34 -8.37
C ALA A 134 -9.18 6.32 -7.96
N ILE A 135 -8.31 6.01 -8.91
CA ILE A 135 -7.12 5.22 -8.69
C ILE A 135 -5.96 6.11 -9.13
N ALA A 136 -5.12 6.52 -8.20
CA ALA A 136 -3.99 7.36 -8.57
C ALA A 136 -2.97 6.49 -9.29
N ASP A 137 -2.62 6.87 -10.52
CA ASP A 137 -1.64 6.12 -11.31
C ASP A 137 -0.23 6.35 -10.77
N PRO A 138 0.40 5.30 -10.20
CA PRO A 138 1.71 5.49 -9.58
C PRO A 138 2.83 5.81 -10.59
N ALA A 139 2.58 5.58 -11.87
CA ALA A 139 3.56 5.92 -12.90
C ALA A 139 3.58 7.42 -13.22
N GLU A 140 2.56 8.14 -12.77
CA GLU A 140 2.43 9.59 -13.04
C GLU A 140 3.17 10.48 -12.03
N VAL A 141 3.41 9.99 -10.82
CA VAL A 141 4.00 10.87 -9.81
C VAL A 141 5.53 10.89 -9.94
N ALA A 142 6.14 12.04 -9.68
CA ALA A 142 7.59 12.17 -9.82
C ALA A 142 8.38 11.52 -8.68
N ALA A 143 7.72 11.22 -7.56
CA ALA A 143 8.40 10.57 -6.43
C ALA A 143 7.46 9.65 -5.70
N SER A 144 7.95 8.49 -5.28
CA SER A 144 7.13 7.52 -4.55
C SER A 144 7.45 7.42 -3.04
N LYS A 145 6.65 6.63 -2.34
CA LYS A 145 6.71 6.60 -0.89
C LYS A 145 8.14 6.31 -0.46
N PRO A 146 8.64 7.00 0.58
CA PRO A 146 7.91 7.82 1.53
C PRO A 146 7.59 9.27 1.12
N ALA A 147 7.89 9.68 -0.11
CA ALA A 147 7.43 10.99 -0.57
C ALA A 147 5.90 10.99 -0.57
N PRO A 148 5.28 12.14 -0.27
CA PRO A 148 3.83 12.22 -0.15
C PRO A 148 3.04 12.25 -1.47
N ASP A 149 3.75 12.33 -2.59
CA ASP A 149 3.15 12.60 -3.90
C ASP A 149 1.93 11.74 -4.25
N ILE A 150 2.03 10.43 -4.00
CA ILE A 150 0.94 9.55 -4.37
C ILE A 150 -0.34 9.81 -3.55
N PHE A 151 -0.20 10.16 -2.26
CA PHE A 151 -1.36 10.53 -1.46
C PHE A 151 -1.96 11.87 -1.84
N ILE A 152 -1.09 12.83 -2.13
CA ILE A 152 -1.52 14.12 -2.70
C ILE A 152 -2.29 13.92 -4.01
N ALA A 153 -1.78 13.05 -4.86
CA ALA A 153 -2.41 12.78 -6.16
C ALA A 153 -3.77 12.08 -6.02
N ALA A 154 -3.87 11.12 -5.10
CA ALA A 154 -5.14 10.45 -4.82
C ALA A 154 -6.21 11.44 -4.35
N ALA A 155 -5.83 12.31 -3.44
CA ALA A 155 -6.76 13.32 -2.92
C ALA A 155 -7.20 14.27 -4.03
N HIS A 156 -6.24 14.73 -4.82
CA HIS A 156 -6.58 15.63 -5.93
C HIS A 156 -7.56 15.00 -6.92
N ALA A 157 -7.34 13.72 -7.22
CA ALA A 157 -8.20 12.99 -8.14
C ALA A 157 -9.66 12.94 -7.72
N VAL A 158 -9.92 13.05 -6.41
CA VAL A 158 -11.31 13.07 -5.92
C VAL A 158 -11.79 14.46 -5.45
N GLY A 159 -10.98 15.47 -5.75
CA GLY A 159 -11.32 16.86 -5.43
C GLY A 159 -11.39 17.20 -3.95
N VAL A 160 -10.55 16.55 -3.16
CA VAL A 160 -10.54 16.78 -1.71
C VAL A 160 -9.13 17.13 -1.25
N ALA A 161 -9.03 18.13 -0.38
CA ALA A 161 -7.73 18.50 0.16
C ALA A 161 -7.14 17.33 0.98
N PRO A 162 -5.82 17.13 0.91
CA PRO A 162 -5.20 16.12 1.78
C PRO A 162 -5.51 16.37 3.26
N SER A 163 -5.55 17.62 3.68
CA SER A 163 -5.85 17.93 5.08
C SER A 163 -7.24 17.52 5.54
N GLU A 164 -8.14 17.22 4.61
CA GLU A 164 -9.48 16.76 4.92
C GLU A 164 -9.62 15.28 4.52
N SER A 165 -8.50 14.55 4.54
CA SER A 165 -8.49 13.14 4.15
C SER A 165 -7.84 12.29 5.25
N ILE A 166 -8.25 11.02 5.31
CA ILE A 166 -7.60 10.00 6.13
C ILE A 166 -6.89 9.06 5.17
N GLY A 167 -5.66 8.68 5.52
CA GLY A 167 -4.91 7.69 4.78
C GLY A 167 -4.75 6.43 5.59
N LEU A 168 -4.94 5.29 4.91
CA LEU A 168 -4.83 3.98 5.54
C LEU A 168 -3.59 3.23 4.98
N GLU A 169 -2.73 2.75 5.87
CA GLU A 169 -1.43 2.20 5.52
C GLU A 169 -0.97 1.13 6.50
N ASP A 170 -0.18 0.19 5.97
CA ASP A 170 0.48 -0.83 6.77
C ASP A 170 1.99 -0.69 6.84
N SER A 171 2.56 0.38 6.29
CA SER A 171 4.02 0.45 6.12
C SER A 171 4.62 1.68 6.74
N GLN A 172 5.87 1.55 7.14
CA GLN A 172 6.64 2.69 7.60
C GLN A 172 6.74 3.80 6.55
N ALA A 173 7.13 3.46 5.33
CA ALA A 173 7.26 4.43 4.26
C ALA A 173 5.96 5.13 3.94
N GLY A 174 4.87 4.37 3.95
CA GLY A 174 3.56 4.90 3.66
C GLY A 174 3.02 5.78 4.77
N ILE A 175 3.28 5.44 6.01
CA ILE A 175 2.87 6.35 7.09
C ILE A 175 3.58 7.70 6.95
N GLN A 176 4.87 7.68 6.64
CA GLN A 176 5.62 8.91 6.44
C GLN A 176 5.04 9.73 5.28
N ALA A 177 4.68 9.05 4.19
CA ALA A 177 4.08 9.68 3.03
C ALA A 177 2.74 10.36 3.41
N ILE A 178 1.92 9.69 4.20
CA ILE A 178 0.66 10.28 4.63
C ILE A 178 0.92 11.52 5.48
N LYS A 179 1.83 11.40 6.46
CA LYS A 179 2.17 12.55 7.31
C LYS A 179 2.55 13.76 6.46
N ASP A 180 3.45 13.57 5.49
CA ASP A 180 3.96 14.70 4.73
C ASP A 180 2.98 15.22 3.68
N SER A 181 1.90 14.48 3.45
CA SER A 181 0.82 14.94 2.55
C SER A 181 -0.12 15.91 3.24
N GLY A 182 -0.23 15.81 4.55
CA GLY A 182 -1.22 16.57 5.32
C GLY A 182 -2.45 15.80 5.76
N ALA A 183 -2.67 14.62 5.14
CA ALA A 183 -3.72 13.70 5.60
C ALA A 183 -3.39 13.07 6.96
N LEU A 184 -4.44 12.54 7.59
CA LEU A 184 -4.35 11.90 8.89
C LEU A 184 -4.13 10.41 8.70
N PRO A 185 -3.02 9.87 9.24
CA PRO A 185 -2.77 8.44 9.05
C PRO A 185 -3.41 7.59 10.15
N ILE A 186 -3.93 6.44 9.73
CA ILE A 186 -4.32 5.39 10.67
C ILE A 186 -3.65 4.10 10.17
N GLY A 187 -2.68 3.60 10.93
CA GLY A 187 -1.92 2.44 10.50
C GLY A 187 -2.57 1.14 10.91
N VAL A 188 -2.26 0.07 10.18
CA VAL A 188 -2.69 -1.27 10.56
C VAL A 188 -1.45 -2.17 10.66
N GLY A 189 -1.27 -2.79 11.82
CA GLY A 189 -0.11 -3.58 12.09
C GLY A 189 0.33 -3.45 13.55
N ARG A 190 1.62 -3.72 13.81
CA ARG A 190 2.19 -3.68 15.18
C ARG A 190 2.77 -2.29 15.44
N PRO A 191 2.50 -1.68 16.61
CA PRO A 191 3.18 -0.39 16.86
C PRO A 191 4.70 -0.56 16.96
N GLU A 192 5.15 -1.75 17.27
CA GLU A 192 6.58 -2.03 17.22
C GLU A 192 7.18 -1.81 15.83
N ASP A 193 6.39 -2.03 14.79
CA ASP A 193 6.83 -1.73 13.43
C ASP A 193 6.46 -0.33 12.99
N LEU A 194 5.29 0.18 13.41
CA LEU A 194 4.75 1.37 12.79
C LEU A 194 4.82 2.64 13.64
N GLY A 195 5.18 2.50 14.91
CA GLY A 195 5.37 3.68 15.77
C GLY A 195 4.31 3.82 16.84
N ASP A 196 4.64 4.59 17.88
CA ASP A 196 3.69 4.85 18.95
C ASP A 196 3.09 6.25 18.90
N ASP A 197 3.31 6.93 17.78
CA ASP A 197 3.01 8.34 17.68
C ASP A 197 1.77 8.63 16.86
N ILE A 198 1.27 7.62 16.14
CA ILE A 198 0.00 7.77 15.44
C ILE A 198 -0.97 6.69 15.91
N VAL A 199 -2.22 6.80 15.47
CA VAL A 199 -3.19 5.75 15.73
C VAL A 199 -2.88 4.51 14.88
N ILE A 200 -2.76 3.38 15.56
CA ILE A 200 -2.48 2.09 14.93
C ILE A 200 -3.51 1.08 15.43
N VAL A 201 -4.07 0.30 14.52
CA VAL A 201 -4.98 -0.80 14.85
C VAL A 201 -4.36 -2.13 14.48
N PRO A 202 -4.70 -3.22 15.22
CA PRO A 202 -4.01 -4.50 14.97
C PRO A 202 -4.44 -5.27 13.71
N ASP A 203 -5.63 -4.98 13.19
CA ASP A 203 -6.16 -5.62 12.02
C ASP A 203 -7.25 -4.74 11.40
N THR A 204 -7.61 -5.03 10.14
CA THR A 204 -8.50 -4.15 9.39
C THR A 204 -9.94 -4.19 9.84
N SER A 205 -10.32 -5.14 10.69
CA SER A 205 -11.70 -5.15 11.19
C SER A 205 -11.98 -3.86 11.94
N HIS A 206 -10.91 -3.24 12.43
CA HIS A 206 -10.97 -1.98 13.16
C HIS A 206 -11.24 -0.78 12.30
N TYR A 207 -11.07 -0.93 10.99
CA TYR A 207 -11.33 0.12 10.05
C TYR A 207 -12.82 0.18 9.73
N THR A 208 -13.57 0.79 10.65
CA THR A 208 -14.99 1.06 10.46
C THR A 208 -15.16 2.55 10.28
N LEU A 209 -16.21 2.94 9.60
CA LEU A 209 -16.51 4.35 9.51
C LEU A 209 -16.70 4.94 10.92
N GLU A 210 -17.35 4.20 11.82
CA GLU A 210 -17.51 4.68 13.20
C GLU A 210 -16.16 5.05 13.78
N PHE A 211 -15.17 4.17 13.63
CA PHE A 211 -13.85 4.42 14.22
C PHE A 211 -13.11 5.54 13.53
N LEU A 212 -13.16 5.58 12.20
CA LEU A 212 -12.60 6.71 11.50
C LEU A 212 -13.18 8.04 12.00
N LYS A 213 -14.48 8.10 12.23
CA LYS A 213 -15.09 9.27 12.86
C LYS A 213 -14.57 9.47 14.29
N GLU A 214 -14.47 8.40 15.07
CA GLU A 214 -13.95 8.46 16.44
C GLU A 214 -12.56 9.13 16.41
N VAL A 215 -11.69 8.67 15.51
CA VAL A 215 -10.35 9.22 15.40
C VAL A 215 -10.35 10.66 14.92
N TRP A 216 -11.13 10.97 13.89
CA TRP A 216 -11.16 12.30 13.34
C TRP A 216 -11.57 13.33 14.40
N LEU A 217 -12.55 12.96 15.22
CA LEU A 217 -13.01 13.82 16.32
C LEU A 217 -11.88 14.07 17.33
O1P GRX B . 5.83 -4.13 -7.95
P GRX B . 4.52 -3.33 -7.84
O2P GRX B . 3.29 -4.22 -7.44
O3P GRX B . 4.18 -2.48 -9.05
C7 GRX B . 4.81 -2.16 -6.43
F1 GRX B . 5.90 -1.41 -6.72
C1 GRX B . 4.91 -2.85 -5.09
O5 GRX B . 4.38 -1.97 -4.13
C5 GRX B . 4.30 -2.50 -2.80
C6 GRX B . 3.60 -1.55 -1.93
O6 GRX B . 2.25 -1.34 -2.29
C4 GRX B . 5.66 -2.96 -2.31
O4 GRX B . 5.83 -3.22 -0.91
C3 GRX B . 6.45 -3.74 -3.23
O3 GRX B . 7.83 -3.89 -2.81
C2 GRX B . 6.27 -3.39 -4.65
O2 GRX B . 7.02 -4.19 -5.58
AL ALF C . 1.04 -0.23 -1.16
F1 ALF C . -0.32 -1.01 -2.02
F2 ALF C . 1.16 -1.56 0.05
F3 ALF C . 0.99 1.12 -2.31
F4 ALF C . 2.42 0.58 -0.40
MG MG D . 0.98 -1.64 1.99
#